data_2AIM
#
_entry.id   2AIM
#
_cell.length_a   43.160
_cell.length_b   51.600
_cell.length_c   45.200
_cell.angle_alpha   90.00
_cell.angle_beta   115.20
_cell.angle_gamma   90.00
#
_symmetry.space_group_name_H-M   'P 1 21 1'
#
loop_
_entity.id
_entity.type
_entity.pdbx_description
1 polymer CRUZAIN
2 non-polymer 'BENZOYL-ARGININE-ALANINE-FLUORO-METHYL KETONE'
3 water water
#
_entity_poly.entity_id   1
_entity_poly.type   'polypeptide(L)'
_entity_poly.pdbx_seq_one_letter_code
;APAAVDWRARGAVTAVKDQGQCGSCWAFSAIGNVECQWFLAGHPLTNLSEQMLVSCDKTDSGCSGGLMNNAFEWIVQENN
GAVYTEDSYPYASGEGISPPCTTSGHTVGATITGHVELPQDEAQIAAWLAVNGPVAVAVDASSWMTYTGGVMTSCVSEQL
DHGVLLVGYNDSAAVPYWIIKNSWTTQWGEEGYIRIAKGSNQCLVKEEASSAVVG
;
_entity_poly.pdbx_strand_id   A
#
loop_
_chem_comp.id
_chem_comp.type
_chem_comp.name
_chem_comp.formula
ZRA peptide-like 'BENZOYL-ARGININE-ALANINE-FLUORO-METHYL KETONE' 'C18 H28 F N5 O4'
#
# COMPACT_ATOMS: atom_id res chain seq x y z
N ALA A 1 8.36 -8.66 16.49
CA ALA A 1 9.31 -9.30 15.62
C ALA A 1 9.33 -10.59 16.41
N PRO A 2 8.95 -11.70 15.79
CA PRO A 2 7.84 -12.51 16.26
C PRO A 2 6.73 -11.77 17.03
N ALA A 3 5.94 -12.47 17.85
CA ALA A 3 4.82 -11.93 18.62
C ALA A 3 3.92 -10.90 17.93
N ALA A 4 4.23 -9.61 17.89
CA ALA A 4 3.38 -8.59 17.31
C ALA A 4 4.27 -7.44 16.85
N VAL A 5 3.91 -6.78 15.75
CA VAL A 5 4.61 -5.62 15.24
C VAL A 5 3.52 -4.72 14.71
N ASP A 6 3.48 -3.45 15.10
CA ASP A 6 2.56 -2.51 14.47
C ASP A 6 3.41 -1.32 14.07
N TRP A 7 3.57 -1.11 12.77
CA TRP A 7 4.45 -0.03 12.33
C TRP A 7 3.83 1.35 12.54
N ARG A 8 2.53 1.41 12.82
CA ARG A 8 1.87 2.67 13.12
C ARG A 8 2.44 3.20 14.44
N ALA A 9 2.67 2.31 15.42
CA ALA A 9 3.24 2.70 16.69
C ALA A 9 4.72 3.06 16.62
N ARG A 10 5.34 2.91 15.45
CA ARG A 10 6.71 3.29 15.24
C ARG A 10 6.77 4.55 14.39
N GLY A 11 5.70 5.35 14.31
CA GLY A 11 5.72 6.57 13.52
C GLY A 11 5.98 6.40 12.03
N ALA A 12 5.87 5.19 11.48
CA ALA A 12 6.22 4.93 10.10
C ALA A 12 5.11 4.98 9.07
N VAL A 13 3.88 5.35 9.44
CA VAL A 13 2.77 5.25 8.52
C VAL A 13 2.04 6.59 8.46
N THR A 14 1.74 7.08 7.25
CA THR A 14 1.03 8.32 7.10
C THR A 14 -0.46 8.05 7.38
N ALA A 15 -1.24 9.12 7.50
CA ALA A 15 -2.68 9.04 7.64
C ALA A 15 -3.37 8.27 6.50
N VAL A 16 -4.59 7.79 6.72
CA VAL A 16 -5.37 7.06 5.72
C VAL A 16 -5.80 8.10 4.69
N LYS A 17 -5.68 7.80 3.40
CA LYS A 17 -6.13 8.67 2.32
C LYS A 17 -7.42 8.17 1.67
N ASP A 18 -7.89 8.89 0.64
CA ASP A 18 -9.11 8.49 -0.07
C ASP A 18 -8.95 8.47 -1.58
N GLN A 19 -9.11 7.28 -2.17
CA GLN A 19 -9.02 7.15 -3.60
C GLN A 19 -10.25 7.71 -4.31
N GLY A 20 -11.42 7.63 -3.69
CA GLY A 20 -12.64 8.14 -4.30
C GLY A 20 -12.99 7.27 -5.49
N GLN A 21 -13.66 7.85 -6.49
CA GLN A 21 -14.13 7.15 -7.67
C GLN A 21 -13.06 6.62 -8.61
N CYS A 22 -11.78 6.91 -8.38
CA CYS A 22 -10.77 6.46 -9.31
C CYS A 22 -10.37 5.02 -8.98
N GLY A 23 -10.10 4.20 -9.98
CA GLY A 23 -9.55 2.86 -9.74
C GLY A 23 -8.04 2.90 -9.59
N SER A 24 -7.58 3.61 -8.56
CA SER A 24 -6.20 3.88 -8.31
C SER A 24 -5.68 3.19 -7.06
N CYS A 25 -6.31 2.11 -6.59
CA CYS A 25 -5.88 1.44 -5.36
C CYS A 25 -4.43 0.96 -5.43
N TRP A 26 -4.04 0.59 -6.64
CA TRP A 26 -2.70 0.17 -6.99
C TRP A 26 -1.66 1.24 -6.66
N ALA A 27 -2.02 2.49 -6.89
CA ALA A 27 -1.14 3.62 -6.69
C ALA A 27 -1.09 3.90 -5.19
N PHE A 28 -2.21 3.75 -4.47
CA PHE A 28 -2.18 3.94 -3.02
C PHE A 28 -1.32 2.92 -2.30
N SER A 29 -1.43 1.66 -2.71
CA SER A 29 -0.59 0.59 -2.18
C SER A 29 0.90 0.87 -2.43
N ALA A 30 1.27 1.14 -3.68
CA ALA A 30 2.65 1.38 -4.08
C ALA A 30 3.21 2.59 -3.35
N ILE A 31 2.55 3.75 -3.38
CA ILE A 31 3.03 4.95 -2.68
C ILE A 31 3.07 4.73 -1.17
N GLY A 32 2.05 4.12 -0.56
CA GLY A 32 2.02 3.93 0.89
C GLY A 32 3.22 3.16 1.39
N ASN A 33 3.54 2.13 0.61
CA ASN A 33 4.71 1.30 0.88
C ASN A 33 5.96 2.17 0.76
N VAL A 34 6.10 2.98 -0.29
CA VAL A 34 7.29 3.84 -0.46
C VAL A 34 7.46 4.82 0.70
N GLU A 35 6.36 5.46 1.14
CA GLU A 35 6.37 6.42 2.25
C GLU A 35 6.96 5.79 3.50
N CYS A 36 6.59 4.53 3.75
CA CYS A 36 7.03 3.82 4.94
C CYS A 36 8.49 3.43 4.82
N GLN A 37 8.85 2.93 3.64
CA GLN A 37 10.21 2.52 3.34
C GLN A 37 11.21 3.68 3.45
N TRP A 38 10.84 4.84 2.92
CA TRP A 38 11.61 6.07 3.00
C TRP A 38 11.85 6.49 4.46
N PHE A 39 10.81 6.44 5.30
CA PHE A 39 10.96 6.75 6.72
C PHE A 39 11.98 5.81 7.37
N LEU A 40 11.78 4.52 7.12
CA LEU A 40 12.62 3.47 7.69
C LEU A 40 14.06 3.50 7.18
N ALA A 41 14.31 4.14 6.02
CA ALA A 41 15.66 4.40 5.58
C ALA A 41 16.27 5.61 6.31
N GLY A 42 15.69 6.09 7.43
CA GLY A 42 16.24 7.18 8.20
C GLY A 42 15.85 8.53 7.63
N HIS A 43 14.66 8.65 7.06
CA HIS A 43 14.25 9.92 6.51
C HIS A 43 12.93 10.30 7.13
N PRO A 44 12.58 11.61 7.27
CA PRO A 44 11.33 12.01 7.91
C PRO A 44 10.15 11.57 7.07
N LEU A 45 9.09 11.14 7.76
CA LEU A 45 7.89 10.69 7.08
C LEU A 45 7.30 11.88 6.31
N THR A 46 7.21 11.65 5.02
CA THR A 46 6.66 12.61 4.08
C THR A 46 5.52 11.94 3.32
N ASN A 47 4.45 12.69 3.13
CA ASN A 47 3.31 12.28 2.31
C ASN A 47 3.76 12.38 0.86
N LEU A 48 3.63 11.29 0.11
CA LEU A 48 4.04 11.27 -1.28
C LEU A 48 2.84 11.08 -2.20
N SER A 49 3.07 11.34 -3.48
CA SER A 49 2.03 11.43 -4.48
C SER A 49 1.59 10.20 -5.31
N GLU A 50 0.35 9.82 -5.07
CA GLU A 50 -0.33 8.81 -5.88
C GLU A 50 -0.64 9.36 -7.27
N GLN A 51 -0.99 10.65 -7.35
CA GLN A 51 -1.31 11.31 -8.62
C GLN A 51 -0.18 11.21 -9.62
N MET A 52 1.08 11.32 -9.20
CA MET A 52 2.23 11.12 -10.06
C MET A 52 2.08 9.75 -10.76
N LEU A 53 1.80 8.65 -10.08
CA LEU A 53 1.60 7.38 -10.75
C LEU A 53 0.35 7.39 -11.60
N VAL A 54 -0.82 7.76 -11.06
CA VAL A 54 -2.09 7.73 -11.79
C VAL A 54 -2.02 8.48 -13.12
N SER A 55 -1.39 9.65 -13.16
CA SER A 55 -1.35 10.46 -14.35
C SER A 55 -0.10 10.22 -15.17
N CYS A 56 1.02 9.91 -14.56
CA CYS A 56 2.26 9.85 -15.32
C CYS A 56 2.75 8.46 -15.66
N ASP A 57 2.42 7.47 -14.85
CA ASP A 57 2.82 6.10 -15.11
C ASP A 57 2.02 5.55 -16.29
N LYS A 58 2.68 5.40 -17.43
CA LYS A 58 1.99 4.85 -18.57
C LYS A 58 2.20 3.35 -18.78
N THR A 59 2.73 2.71 -17.75
CA THR A 59 2.93 1.27 -17.71
C THR A 59 1.67 0.68 -17.06
N ASP A 60 0.96 1.47 -16.24
CA ASP A 60 -0.33 1.05 -15.77
C ASP A 60 -1.43 1.83 -16.46
N SER A 61 -2.67 1.78 -15.96
CA SER A 61 -3.78 2.37 -16.67
C SER A 61 -4.64 3.35 -15.88
N GLY A 62 -4.04 4.23 -15.10
CA GLY A 62 -4.69 5.30 -14.34
C GLY A 62 -5.88 4.84 -13.53
N CYS A 63 -7.03 5.47 -13.75
CA CYS A 63 -8.21 5.07 -13.03
C CYS A 63 -8.81 3.75 -13.47
N SER A 64 -8.18 2.97 -14.36
CA SER A 64 -8.69 1.65 -14.68
C SER A 64 -7.91 0.58 -13.94
N GLY A 65 -6.95 0.92 -13.09
CA GLY A 65 -6.25 -0.11 -12.38
C GLY A 65 -4.83 -0.22 -12.87
N GLY A 66 -4.12 -1.10 -12.19
CA GLY A 66 -2.72 -1.27 -12.44
C GLY A 66 -2.14 -2.18 -11.40
N LEU A 67 -0.82 -2.27 -11.39
CA LEU A 67 -0.10 -3.21 -10.56
C LEU A 67 1.01 -2.43 -9.90
N MET A 68 1.22 -2.82 -8.64
CA MET A 68 2.20 -2.14 -7.80
C MET A 68 3.61 -2.39 -8.31
N ASN A 69 3.91 -3.61 -8.73
CA ASN A 69 5.21 -3.95 -9.32
C ASN A 69 5.50 -3.12 -10.55
N ASN A 70 4.49 -2.85 -11.40
CA ASN A 70 4.72 -2.02 -12.58
C ASN A 70 5.01 -0.59 -12.18
N ALA A 71 4.26 -0.08 -11.19
CA ALA A 71 4.50 1.25 -10.66
C ALA A 71 5.91 1.36 -10.09
N PHE A 72 6.41 0.35 -9.34
CA PHE A 72 7.76 0.41 -8.80
C PHE A 72 8.78 0.47 -9.94
N GLU A 73 8.62 -0.34 -10.99
CA GLU A 73 9.59 -0.31 -12.06
C GLU A 73 9.50 0.95 -12.89
N TRP A 74 8.31 1.54 -13.07
CA TRP A 74 8.16 2.82 -13.71
C TRP A 74 8.91 3.90 -12.92
N ILE A 75 8.81 3.99 -11.58
CA ILE A 75 9.54 5.00 -10.82
C ILE A 75 11.03 4.89 -11.14
N VAL A 76 11.61 3.71 -11.03
CA VAL A 76 13.01 3.52 -11.28
C VAL A 76 13.35 3.77 -12.75
N GLN A 77 12.83 2.92 -13.64
CA GLN A 77 13.16 2.96 -15.05
C GLN A 77 12.73 4.20 -15.81
N GLU A 78 11.62 4.81 -15.43
CA GLU A 78 11.16 5.95 -16.18
C GLU A 78 11.27 7.25 -15.44
N ASN A 79 11.10 7.33 -14.12
CA ASN A 79 11.13 8.64 -13.48
C ASN A 79 12.38 8.91 -12.66
N ASN A 80 13.48 8.26 -13.05
CA ASN A 80 14.77 8.42 -12.39
C ASN A 80 14.77 8.14 -10.89
N GLY A 81 13.89 7.23 -10.45
CA GLY A 81 13.76 6.88 -9.04
C GLY A 81 12.99 7.95 -8.26
N ALA A 82 12.51 9.06 -8.82
CA ALA A 82 11.85 10.12 -8.09
C ALA A 82 10.41 9.82 -7.74
N VAL A 83 10.05 10.24 -6.53
CA VAL A 83 8.67 10.16 -6.07
C VAL A 83 8.39 11.57 -5.57
N TYR A 84 7.39 12.22 -6.13
CA TYR A 84 7.06 13.59 -5.74
C TYR A 84 6.27 13.64 -4.45
N THR A 85 6.32 14.80 -3.80
CA THR A 85 5.56 15.01 -2.59
C THR A 85 4.09 15.18 -2.96
N GLU A 86 3.20 14.70 -2.10
CA GLU A 86 1.77 14.85 -2.30
C GLU A 86 1.42 16.34 -2.40
N ASP A 87 2.11 17.16 -1.64
CA ASP A 87 1.94 18.59 -1.56
C ASP A 87 2.23 19.29 -2.88
N SER A 88 3.23 18.82 -3.63
CA SER A 88 3.59 19.42 -4.91
C SER A 88 2.86 18.72 -6.03
N TYR A 89 2.28 17.54 -5.82
CA TYR A 89 1.48 16.95 -6.87
C TYR A 89 0.26 16.33 -6.18
N PRO A 90 -0.71 17.16 -5.71
CA PRO A 90 -1.92 16.72 -4.98
C PRO A 90 -2.88 15.85 -5.79
N TYR A 91 -3.63 15.00 -5.10
CA TYR A 91 -4.58 14.11 -5.78
C TYR A 91 -5.68 14.93 -6.43
N ALA A 92 -5.73 14.68 -7.72
CA ALA A 92 -6.61 15.34 -8.67
C ALA A 92 -7.58 14.37 -9.33
N SER A 93 -7.49 13.08 -9.02
CA SER A 93 -8.47 12.12 -9.50
C SER A 93 -9.52 12.04 -8.39
N GLY A 94 -10.43 11.09 -8.25
CA GLY A 94 -11.37 11.21 -7.14
C GLY A 94 -12.75 11.33 -7.75
N GLU A 95 -12.90 12.18 -8.76
CA GLU A 95 -14.10 12.19 -9.57
C GLU A 95 -14.08 10.98 -10.49
N GLY A 96 -12.89 10.39 -10.65
CA GLY A 96 -12.76 9.18 -11.44
C GLY A 96 -12.00 9.40 -12.74
N ILE A 97 -11.38 10.57 -12.93
CA ILE A 97 -10.58 10.79 -14.13
C ILE A 97 -9.21 11.19 -13.67
N SER A 98 -8.23 10.90 -14.52
CA SER A 98 -6.87 11.30 -14.25
C SER A 98 -6.62 12.42 -15.23
N PRO A 99 -6.46 13.69 -14.80
CA PRO A 99 -5.89 14.75 -15.62
C PRO A 99 -4.56 14.32 -16.23
N PRO A 100 -4.14 14.82 -17.40
CA PRO A 100 -2.82 14.56 -17.93
C PRO A 100 -1.66 14.91 -17.00
N CYS A 101 -0.61 14.13 -17.22
CA CYS A 101 0.63 14.23 -16.49
C CYS A 101 1.31 15.58 -16.69
N THR A 102 1.72 16.24 -15.61
CA THR A 102 2.55 17.43 -15.74
C THR A 102 3.94 17.03 -15.24
N THR A 103 4.94 17.23 -16.08
CA THR A 103 6.31 16.84 -15.76
C THR A 103 7.14 17.79 -14.92
N SER A 104 6.65 19.01 -14.64
CA SER A 104 7.41 19.91 -13.82
C SER A 104 6.51 20.58 -12.79
N GLY A 105 7.10 21.42 -11.95
CA GLY A 105 6.38 22.10 -10.89
C GLY A 105 6.14 21.13 -9.75
N HIS A 106 7.05 20.18 -9.49
CA HIS A 106 6.89 19.24 -8.40
C HIS A 106 8.23 19.08 -7.68
N THR A 107 8.21 18.62 -6.43
CA THR A 107 9.43 18.48 -5.63
C THR A 107 9.62 16.99 -5.38
N VAL A 108 10.86 16.51 -5.38
CA VAL A 108 11.15 15.11 -5.15
C VAL A 108 11.12 14.96 -3.64
N GLY A 109 10.21 14.11 -3.19
CA GLY A 109 10.07 13.79 -1.78
C GLY A 109 10.79 12.51 -1.41
N ALA A 110 11.05 11.59 -2.34
CA ALA A 110 11.69 10.32 -2.03
C ALA A 110 12.22 9.67 -3.28
N THR A 111 13.19 8.76 -3.14
CA THR A 111 13.70 8.03 -4.30
C THR A 111 13.78 6.54 -3.99
N ILE A 112 13.50 5.65 -4.94
CA ILE A 112 13.64 4.21 -4.69
C ILE A 112 14.67 3.66 -5.66
N THR A 113 15.32 2.56 -5.35
CA THR A 113 16.32 1.99 -6.25
C THR A 113 15.86 0.70 -6.95
N GLY A 114 14.76 0.10 -6.50
CA GLY A 114 14.23 -1.12 -7.09
C GLY A 114 13.09 -1.63 -6.23
N HIS A 115 12.76 -2.92 -6.31
CA HIS A 115 11.73 -3.52 -5.49
C HIS A 115 11.97 -5.02 -5.40
N VAL A 116 11.50 -5.65 -4.34
CA VAL A 116 11.58 -7.08 -4.16
C VAL A 116 10.13 -7.58 -4.14
N GLU A 117 9.94 -8.82 -4.53
CA GLU A 117 8.66 -9.52 -4.51
C GLU A 117 8.85 -10.60 -3.45
N LEU A 118 7.97 -10.61 -2.45
CA LEU A 118 8.07 -11.50 -1.31
C LEU A 118 7.46 -12.87 -1.59
N PRO A 119 7.83 -13.94 -0.88
CA PRO A 119 7.27 -15.27 -1.11
C PRO A 119 5.78 -15.31 -0.80
N GLN A 120 5.12 -16.25 -1.44
CA GLN A 120 3.70 -16.40 -1.21
C GLN A 120 3.50 -17.27 0.03
N ASP A 121 3.89 -16.74 1.19
CA ASP A 121 3.87 -17.48 2.42
C ASP A 121 3.80 -16.43 3.50
N GLU A 122 2.74 -16.50 4.30
CA GLU A 122 2.47 -15.52 5.35
C GLU A 122 3.50 -15.49 6.46
N ALA A 123 4.07 -16.64 6.81
CA ALA A 123 5.06 -16.70 7.86
C ALA A 123 6.31 -15.96 7.36
N GLN A 124 6.61 -16.07 6.07
CA GLN A 124 7.79 -15.47 5.50
C GLN A 124 7.55 -14.00 5.24
N ILE A 125 6.34 -13.63 4.82
CA ILE A 125 5.99 -12.22 4.66
C ILE A 125 6.09 -11.52 6.01
N ALA A 126 5.61 -12.14 7.08
CA ALA A 126 5.71 -11.57 8.41
C ALA A 126 7.16 -11.42 8.86
N ALA A 127 8.04 -12.37 8.55
CA ALA A 127 9.44 -12.29 8.92
C ALA A 127 10.12 -11.07 8.32
N TRP A 128 9.83 -10.80 7.05
CA TRP A 128 10.41 -9.68 6.33
C TRP A 128 9.83 -8.36 6.89
N LEU A 129 8.49 -8.28 7.03
CA LEU A 129 7.81 -7.12 7.55
C LEU A 129 8.32 -6.68 8.91
N ALA A 130 8.60 -7.66 9.76
CA ALA A 130 9.05 -7.41 11.11
C ALA A 130 10.29 -6.55 11.21
N VAL A 131 11.19 -6.77 10.23
CA VAL A 131 12.48 -6.12 10.17
C VAL A 131 12.49 -4.94 9.20
N ASN A 132 12.01 -5.18 7.99
CA ASN A 132 12.10 -4.20 6.93
C ASN A 132 10.94 -3.24 6.76
N GLY A 133 9.78 -3.52 7.34
CA GLY A 133 8.67 -2.58 7.26
C GLY A 133 7.50 -3.05 6.42
N PRO A 134 6.53 -2.15 6.21
CA PRO A 134 5.29 -2.42 5.50
C PRO A 134 5.52 -2.91 4.07
N VAL A 135 4.68 -3.86 3.66
CA VAL A 135 4.74 -4.54 2.38
C VAL A 135 3.46 -4.16 1.62
N ALA A 136 3.49 -4.02 0.29
CA ALA A 136 2.29 -3.79 -0.52
C ALA A 136 1.75 -5.16 -0.93
N VAL A 137 0.44 -5.37 -0.82
CA VAL A 137 -0.19 -6.63 -1.16
C VAL A 137 -1.45 -6.42 -1.97
N ALA A 138 -1.78 -7.47 -2.74
CA ALA A 138 -3.02 -7.54 -3.52
C ALA A 138 -3.93 -8.48 -2.75
N VAL A 139 -5.22 -8.17 -2.73
CA VAL A 139 -6.17 -8.88 -1.90
C VAL A 139 -7.47 -8.98 -2.69
N ASP A 140 -8.29 -9.97 -2.37
CA ASP A 140 -9.64 -10.06 -2.87
C ASP A 140 -10.37 -9.20 -1.84
N ALA A 141 -11.02 -8.14 -2.27
CA ALA A 141 -11.70 -7.21 -1.41
C ALA A 141 -13.22 -7.35 -1.53
N SER A 142 -13.77 -8.37 -2.19
CA SER A 142 -15.22 -8.62 -2.31
C SER A 142 -16.05 -8.48 -1.02
N SER A 143 -15.56 -8.95 0.12
CA SER A 143 -16.31 -8.89 1.38
C SER A 143 -16.23 -7.52 2.04
N TRP A 144 -15.23 -6.74 1.67
CA TRP A 144 -14.83 -5.56 2.40
C TRP A 144 -15.78 -4.39 2.43
N MET A 145 -16.80 -4.38 1.58
CA MET A 145 -17.77 -3.30 1.65
C MET A 145 -18.66 -3.48 2.87
N THR A 146 -18.72 -4.66 3.49
CA THR A 146 -19.52 -4.78 4.68
C THR A 146 -18.68 -4.88 5.95
N TYR A 147 -17.37 -4.56 5.90
CA TYR A 147 -16.52 -4.66 7.06
C TYR A 147 -16.77 -3.45 7.97
N THR A 148 -17.17 -3.78 9.20
CA THR A 148 -17.45 -2.77 10.19
C THR A 148 -16.43 -2.72 11.32
N GLY A 149 -15.56 -3.71 11.49
CA GLY A 149 -14.59 -3.67 12.58
C GLY A 149 -14.42 -5.07 13.12
N GLY A 150 -13.49 -5.28 14.04
CA GLY A 150 -13.21 -6.61 14.57
C GLY A 150 -12.21 -7.29 13.65
N VAL A 151 -11.77 -8.51 13.94
CA VAL A 151 -10.87 -9.20 13.01
C VAL A 151 -11.82 -10.10 12.24
N MET A 152 -11.77 -9.97 10.93
CA MET A 152 -12.67 -10.66 10.02
C MET A 152 -12.82 -12.18 10.13
N THR A 153 -11.82 -12.98 10.47
CA THR A 153 -11.84 -14.47 10.53
C THR A 153 -12.37 -15.24 9.30
N SER A 154 -13.16 -14.72 8.35
CA SER A 154 -13.60 -15.45 7.19
C SER A 154 -13.72 -14.38 6.11
N CYS A 155 -13.13 -14.59 4.94
CA CYS A 155 -13.16 -13.59 3.88
C CYS A 155 -13.25 -14.30 2.55
N VAL A 156 -14.04 -13.80 1.60
CA VAL A 156 -14.12 -14.37 0.25
C VAL A 156 -12.74 -14.29 -0.38
N SER A 157 -12.21 -15.40 -0.87
CA SER A 157 -10.86 -15.48 -1.35
C SER A 157 -10.92 -16.20 -2.66
N GLU A 158 -11.43 -15.51 -3.68
CA GLU A 158 -11.53 -16.09 -4.99
C GLU A 158 -10.77 -15.28 -6.01
N GLN A 159 -10.70 -13.94 -5.97
CA GLN A 159 -10.01 -13.20 -7.01
C GLN A 159 -9.27 -11.97 -6.52
N LEU A 160 -7.99 -11.76 -6.80
CA LEU A 160 -7.30 -10.55 -6.33
C LEU A 160 -7.85 -9.39 -7.11
N ASP A 161 -8.42 -8.39 -6.47
CA ASP A 161 -8.99 -7.23 -7.13
C ASP A 161 -8.58 -5.90 -6.50
N HIS A 162 -7.85 -5.85 -5.38
CA HIS A 162 -7.55 -4.59 -4.72
C HIS A 162 -6.13 -4.61 -4.17
N GLY A 163 -5.47 -3.44 -4.18
CA GLY A 163 -4.13 -3.28 -3.66
C GLY A 163 -4.17 -2.46 -2.37
N VAL A 164 -3.53 -2.92 -1.30
CA VAL A 164 -3.50 -2.32 0.05
C VAL A 164 -2.10 -2.35 0.69
N LEU A 165 -1.94 -1.91 1.93
CA LEU A 165 -0.67 -1.89 2.65
C LEU A 165 -0.73 -2.74 3.91
N LEU A 166 0.13 -3.74 4.08
CA LEU A 166 0.22 -4.49 5.32
C LEU A 166 1.12 -3.71 6.29
N VAL A 167 0.61 -3.19 7.41
CA VAL A 167 1.40 -2.41 8.37
C VAL A 167 1.78 -3.17 9.65
N GLY A 168 1.32 -4.41 9.86
CA GLY A 168 1.64 -5.14 11.07
C GLY A 168 0.88 -6.45 11.15
N TYR A 169 1.02 -7.07 12.33
CA TYR A 169 0.45 -8.36 12.65
C TYR A 169 0.52 -8.53 14.15
N ASN A 170 -0.26 -9.47 14.65
CA ASN A 170 -0.22 -9.78 16.06
C ASN A 170 -0.59 -11.24 16.16
N ASP A 171 0.42 -12.05 16.45
CA ASP A 171 0.27 -13.48 16.63
C ASP A 171 -0.01 -13.87 18.07
N SER A 172 -0.07 -12.86 18.97
CA SER A 172 -0.41 -13.04 20.36
C SER A 172 -1.91 -12.94 20.60
N ALA A 173 -2.67 -12.50 19.60
CA ALA A 173 -4.11 -12.32 19.75
C ALA A 173 -4.85 -13.65 19.89
N ALA A 174 -6.16 -13.66 20.24
CA ALA A 174 -6.90 -14.92 20.34
C ALA A 174 -6.86 -15.61 18.97
N VAL A 175 -7.09 -14.83 17.92
CA VAL A 175 -6.91 -15.30 16.55
C VAL A 175 -5.85 -14.34 16.05
N PRO A 176 -4.64 -14.79 15.73
CA PRO A 176 -3.60 -13.95 15.11
C PRO A 176 -4.10 -13.18 13.91
N TYR A 177 -3.63 -11.95 13.67
CA TYR A 177 -4.13 -11.20 12.53
C TYR A 177 -3.10 -10.35 11.85
N TRP A 178 -3.47 -9.88 10.67
CA TRP A 178 -2.75 -8.88 9.89
C TRP A 178 -3.46 -7.52 10.09
N ILE A 179 -2.77 -6.38 10.07
CA ILE A 179 -3.41 -5.08 10.10
C ILE A 179 -3.04 -4.36 8.79
N ILE A 180 -4.09 -4.02 8.04
CA ILE A 180 -4.02 -3.47 6.69
C ILE A 180 -4.54 -2.04 6.59
N LYS A 181 -3.74 -1.13 6.01
CA LYS A 181 -4.15 0.23 5.72
C LYS A 181 -4.91 0.26 4.39
N ASN A 182 -6.15 0.75 4.35
CA ASN A 182 -6.92 0.79 3.12
C ASN A 182 -7.05 2.24 2.66
N SER A 183 -7.57 2.54 1.46
CA SER A 183 -7.70 3.89 0.99
C SER A 183 -9.13 4.35 0.69
N TRP A 184 -10.04 4.08 1.62
CA TRP A 184 -11.45 4.41 1.46
C TRP A 184 -11.87 5.33 2.63
N THR A 185 -11.01 6.30 2.96
CA THR A 185 -11.14 7.22 4.10
C THR A 185 -11.12 6.50 5.46
N THR A 186 -11.17 7.28 6.55
CA THR A 186 -11.21 6.80 7.91
C THR A 186 -12.60 6.34 8.31
N GLN A 187 -13.60 6.70 7.51
CA GLN A 187 -14.99 6.35 7.76
C GLN A 187 -15.33 4.88 7.53
N TRP A 188 -14.43 4.18 6.86
CA TRP A 188 -14.60 2.78 6.59
C TRP A 188 -13.71 2.03 7.59
N GLY A 189 -14.12 0.83 7.96
CA GLY A 189 -13.38 -0.05 8.84
C GLY A 189 -13.04 0.54 10.19
N GLU A 190 -11.92 0.07 10.76
CA GLU A 190 -11.46 0.57 12.03
C GLU A 190 -10.63 1.82 11.74
N GLU A 191 -11.25 3.01 11.60
CA GLU A 191 -10.56 4.26 11.25
C GLU A 191 -9.70 4.06 9.99
N GLY A 192 -10.33 3.58 8.91
CA GLY A 192 -9.65 3.33 7.66
C GLY A 192 -8.91 1.99 7.60
N TYR A 193 -8.71 1.28 8.72
CA TYR A 193 -7.96 0.03 8.79
C TYR A 193 -8.80 -1.24 8.82
N ILE A 194 -8.21 -2.39 8.47
CA ILE A 194 -8.88 -3.70 8.54
C ILE A 194 -7.95 -4.76 9.15
N ARG A 195 -8.51 -5.66 9.92
CA ARG A 195 -7.77 -6.73 10.55
C ARG A 195 -8.30 -8.05 10.06
N ILE A 196 -7.44 -8.93 9.52
CA ILE A 196 -7.92 -10.22 9.01
C ILE A 196 -7.14 -11.35 9.67
N ALA A 197 -7.72 -12.54 9.75
CA ALA A 197 -7.04 -13.68 10.38
C ALA A 197 -5.79 -14.01 9.58
N LYS A 198 -4.69 -14.24 10.27
CA LYS A 198 -3.43 -14.59 9.63
C LYS A 198 -3.22 -16.11 9.71
N GLY A 199 -2.71 -16.74 8.67
CA GLY A 199 -2.39 -18.16 8.70
C GLY A 199 -3.30 -18.98 7.80
N SER A 200 -4.28 -18.40 7.13
CA SER A 200 -5.19 -19.16 6.31
C SER A 200 -5.43 -18.50 4.97
N ASN A 201 -4.50 -17.66 4.53
CA ASN A 201 -4.55 -16.93 3.27
C ASN A 201 -5.91 -16.28 3.02
N GLN A 202 -6.31 -15.50 4.02
CA GLN A 202 -7.58 -14.81 4.01
C GLN A 202 -7.50 -13.70 2.98
N CYS A 203 -8.48 -13.66 2.09
CA CYS A 203 -8.60 -12.67 1.02
C CYS A 203 -7.39 -12.77 0.10
N LEU A 204 -6.69 -13.92 0.14
CA LEU A 204 -5.52 -14.24 -0.67
C LEU A 204 -4.37 -13.26 -0.42
N VAL A 205 -4.19 -12.94 0.87
CA VAL A 205 -3.20 -11.94 1.29
C VAL A 205 -1.74 -12.28 0.97
N LYS A 206 -1.39 -13.56 0.78
CA LYS A 206 -0.01 -13.92 0.50
C LYS A 206 0.33 -13.95 -0.99
N GLU A 207 -0.66 -13.84 -1.87
CA GLU A 207 -0.43 -14.07 -3.27
C GLU A 207 0.46 -13.08 -4.00
N GLU A 208 0.40 -11.76 -3.82
CA GLU A 208 1.27 -10.81 -4.52
C GLU A 208 1.80 -9.75 -3.54
N ALA A 209 2.80 -10.11 -2.77
CA ALA A 209 3.33 -9.23 -1.74
C ALA A 209 4.64 -8.69 -2.27
N SER A 210 4.88 -7.38 -2.28
CA SER A 210 6.16 -6.86 -2.75
C SER A 210 6.50 -5.56 -2.00
N SER A 211 7.71 -5.02 -2.17
CA SER A 211 8.11 -3.81 -1.48
C SER A 211 9.16 -3.06 -2.27
N ALA A 212 9.13 -1.72 -2.17
CA ALA A 212 10.15 -0.89 -2.77
C ALA A 212 11.40 -0.96 -1.88
N VAL A 213 12.54 -0.78 -2.53
CA VAL A 213 13.83 -0.79 -1.84
C VAL A 213 14.37 0.62 -1.99
N VAL A 214 14.82 1.28 -0.93
CA VAL A 214 15.48 2.57 -1.11
C VAL A 214 16.95 2.33 -0.72
N GLY A 215 17.87 3.00 -1.42
CA GLY A 215 19.29 3.00 -1.12
C GLY A 215 20.14 1.81 -1.58
C1 ZRA B . -5.77 -4.26 -12.12
O1 ZRA B . -6.60 -5.15 -12.34
O2 ZRA B . -4.80 -3.81 -13.03
C2 ZRA B . -4.58 -4.22 -14.36
C3 ZRA B . -3.54 -3.96 -15.45
C4 ZRA B . -3.41 -2.65 -15.91
C5 ZRA B . -2.37 -2.33 -16.77
C6 ZRA B . -1.46 -3.31 -17.17
C7 ZRA B . -1.61 -4.63 -16.72
C8 ZRA B . -2.65 -4.96 -15.85
CA1 ZRA B . -6.37 -3.81 -9.78
CB1 ZRA B . -5.60 -4.14 -8.49
CG ZRA B . -4.76 -5.38 -8.58
CD ZRA B . -5.70 -6.55 -8.77
CD ZRA B . -5.66 -6.55 -8.95
NE ZRA B . -5.01 -7.79 -9.02
NE ZRA B . -5.15 -7.85 -9.40
CZ ZRA B . -5.23 -8.49 -10.13
CZ ZRA B . -3.90 -8.31 -9.34
NH1 ZRA B . -6.08 -8.08 -11.10
NH1 ZRA B . -2.89 -7.59 -8.85
NH2 ZRA B . -4.59 -9.64 -10.28
NH2 ZRA B . -3.68 -9.55 -9.77
C ZRA B . -6.87 -2.37 -9.72
N1 ZRA B . -5.51 -3.74 -10.92
O ZRA B . -6.10 -1.45 -9.38
N2 ZRA B . -8.19 -2.27 -9.72
CA2 ZRA B . -8.90 -1.08 -9.28
CT ZRA B . -8.65 -0.50 -7.89
OT ZRA B . -8.73 0.73 -7.72
CB2 ZRA B . -9.95 -0.48 -10.18
CM ZRA B . -8.25 -1.19 -6.59
HE ZRA B . -4.33 -8.10 -8.39
HE ZRA B . -5.83 -8.43 -9.85
HH11 ZRA B . -6.44 -7.15 -11.17
HH11 ZRA B . -2.96 -6.66 -8.52
HH12 ZRA B . -6.12 -8.63 -11.94
HH12 ZRA B . -1.98 -8.00 -8.79
HH21 ZRA B . -3.95 -10.04 -9.63
HH21 ZRA B . -4.39 -10.12 -10.21
HH22 ZRA B . -4.86 -10.22 -11.05
HH22 ZRA B . -2.76 -9.97 -9.67
HN1 ZRA B . -4.68 -3.25 -10.80
HN2 ZRA B . -8.68 -2.96 -10.24
#